data_5VNV
#
_entry.id   5VNV
#
_cell.length_a   106.751
_cell.length_b   106.751
_cell.length_c   52.232
_cell.angle_alpha   90.00
_cell.angle_beta   90.00
_cell.angle_gamma   90.00
#
_symmetry.space_group_name_H-M   'I 41 2 2'
#
loop_
_entity.id
_entity.type
_entity.pdbx_description
1 polymer Nb.b201
2 non-polymer 'PENTAETHYLENE GLYCOL'
3 non-polymer 'POTASSIUM ION'
4 non-polymer 'FORMIC ACID'
5 water water
#
_entity_poly.entity_id   1
_entity_poly.type   'polypeptide(L)'
_entity_poly.pdbx_seq_one_letter_code
;QVQLQESGGGLVQAGGSLRLSCAASGYISDAYYMGWYRQAPGKEREFVATITHGTNTYYADSVKGRFTISRDNAKNTVYL
QMNSLKPEDTAVYYCAVLETRSYSFRYWGQGTQVTVSSLE
;
_entity_poly.pdbx_strand_id   A
#
loop_
_chem_comp.id
_chem_comp.type
_chem_comp.name
_chem_comp.formula
1PE non-polymer 'PENTAETHYLENE GLYCOL' 'C10 H22 O6'
FMT non-polymer 'FORMIC ACID' 'C H2 O2'
K non-polymer 'POTASSIUM ION' 'K 1'
#
# COMPACT_ATOMS: atom_id res chain seq x y z
N GLN A 1 17.54 -7.91 2.05
CA GLN A 1 18.54 -6.91 1.67
C GLN A 1 18.00 -5.50 1.84
N VAL A 2 17.23 -5.06 0.83
CA VAL A 2 16.62 -3.73 0.85
C VAL A 2 15.54 -3.67 1.93
N GLN A 3 15.47 -2.54 2.62
CA GLN A 3 14.49 -2.31 3.66
C GLN A 3 13.36 -1.45 3.12
N LEU A 4 12.13 -1.88 3.35
CA LEU A 4 10.93 -1.11 3.04
C LEU A 4 10.40 -0.52 4.34
N GLN A 5 10.01 0.75 4.29
CA GLN A 5 9.49 1.43 5.48
C GLN A 5 8.23 2.21 5.14
N GLU A 6 7.11 1.79 5.74
CA GLU A 6 5.85 2.49 5.58
C GLU A 6 5.77 3.70 6.51
N SER A 7 5.02 4.71 6.08
CA SER A 7 4.68 5.86 6.91
CA SER A 7 4.66 5.83 6.95
C SER A 7 3.26 6.30 6.59
N GLY A 8 2.63 6.98 7.54
CA GLY A 8 1.36 7.63 7.30
C GLY A 8 0.14 7.01 7.95
N GLY A 9 0.25 5.87 8.61
CA GLY A 9 -0.93 5.30 9.23
C GLY A 9 -1.50 6.21 10.30
N GLY A 10 -2.72 5.91 10.72
CA GLY A 10 -3.32 6.59 11.84
C GLY A 10 -4.81 6.34 11.93
N LEU A 11 -5.45 7.18 12.73
CA LEU A 11 -6.89 7.11 13.00
C LEU A 11 -7.60 8.15 12.13
N VAL A 12 -8.64 7.72 11.42
CA VAL A 12 -9.33 8.55 10.43
C VAL A 12 -10.83 8.28 10.50
N GLN A 13 -11.64 9.28 10.18
CA GLN A 13 -13.10 9.13 10.20
C GLN A 13 -13.58 8.40 8.94
N ALA A 14 -14.66 7.62 9.10
CA ALA A 14 -15.36 7.08 7.95
C ALA A 14 -15.73 8.21 7.00
N GLY A 15 -15.56 7.96 5.71
CA GLY A 15 -15.70 9.00 4.70
C GLY A 15 -14.46 9.82 4.49
N GLY A 16 -13.44 9.66 5.34
CA GLY A 16 -12.25 10.49 5.30
C GLY A 16 -11.24 10.04 4.26
N SER A 17 -10.06 10.65 4.35
CA SER A 17 -8.95 10.40 3.42
C SER A 17 -7.67 10.21 4.20
N LEU A 18 -6.75 9.44 3.63
CA LEU A 18 -5.45 9.22 4.28
C LEU A 18 -4.47 8.79 3.20
N ARG A 19 -3.22 9.21 3.31
CA ARG A 19 -2.20 8.83 2.35
C ARG A 19 -1.05 8.12 3.04
N LEU A 20 -0.75 6.92 2.56
CA LEU A 20 0.40 6.16 3.04
C LEU A 20 1.54 6.26 2.04
N SER A 21 2.76 6.13 2.55
N SER A 21 2.76 6.15 2.56
CA SER A 21 3.91 6.05 1.68
CA SER A 21 3.96 6.11 1.76
C SER A 21 4.81 4.93 2.15
C SER A 21 4.78 4.90 2.15
N CYS A 22 5.62 4.43 1.23
CA CYS A 22 6.57 3.38 1.54
C CYS A 22 7.82 3.61 0.73
N ALA A 23 8.94 3.83 1.42
CA ALA A 23 10.22 4.13 0.79
C ALA A 23 11.15 2.93 0.94
N ALA A 24 11.84 2.58 -0.14
CA ALA A 24 12.85 1.53 -0.09
C ALA A 24 14.21 2.17 0.15
N SER A 25 15.08 1.45 0.85
CA SER A 25 16.40 1.98 1.18
C SER A 25 17.41 1.76 0.06
N GLY A 26 16.99 1.17 -1.05
CA GLY A 26 17.87 0.91 -2.18
C GLY A 26 17.10 0.99 -3.47
N TYR A 27 17.83 0.81 -4.56
CA TYR A 27 17.26 0.93 -5.90
C TYR A 27 16.28 -0.20 -6.21
N ILE A 28 15.07 0.18 -6.62
CA ILE A 28 14.03 -0.75 -7.09
C ILE A 28 13.88 -0.53 -8.58
N SER A 29 14.02 -1.61 -9.36
CA SER A 29 13.80 -1.56 -10.80
C SER A 29 12.41 -1.02 -11.09
N ASP A 30 12.32 -0.13 -12.09
CA ASP A 30 11.00 0.39 -12.48
C ASP A 30 10.07 -0.70 -12.96
N ALA A 31 10.61 -1.85 -13.40
CA ALA A 31 9.83 -2.98 -13.88
C ALA A 31 9.45 -3.97 -12.78
N TYR A 32 9.92 -3.76 -11.54
CA TYR A 32 9.40 -4.55 -10.43
C TYR A 32 8.06 -3.95 -9.97
N TYR A 33 7.28 -4.74 -9.27
CA TYR A 33 6.03 -4.24 -8.67
C TYR A 33 6.31 -3.68 -7.28
N MET A 34 5.68 -2.55 -6.96
CA MET A 34 5.57 -2.08 -5.58
C MET A 34 4.10 -2.03 -5.28
N GLY A 35 3.69 -2.63 -4.15
CA GLY A 35 2.29 -2.84 -3.90
C GLY A 35 1.92 -2.67 -2.44
N TRP A 36 0.64 -2.74 -2.20
CA TRP A 36 0.07 -2.66 -0.86
C TRP A 36 -0.84 -3.86 -0.61
N TYR A 37 -0.72 -4.39 0.60
CA TYR A 37 -1.57 -5.46 1.14
C TYR A 37 -2.08 -4.98 2.49
N ARG A 38 -3.09 -5.67 3.02
CA ARG A 38 -3.62 -5.27 4.32
C ARG A 38 -4.14 -6.49 5.05
N GLN A 39 -4.15 -6.41 6.37
CA GLN A 39 -4.60 -7.52 7.20
C GLN A 39 -5.49 -6.93 8.30
N ALA A 40 -6.82 -7.21 8.19
CA ALA A 40 -7.91 -6.77 9.04
C ALA A 40 -8.14 -7.75 10.17
N PRO A 41 -8.81 -7.33 11.24
CA PRO A 41 -9.06 -8.23 12.38
C PRO A 41 -9.86 -9.45 11.96
N GLY A 42 -9.35 -10.63 12.32
CA GLY A 42 -10.06 -11.86 12.04
C GLY A 42 -10.05 -12.32 10.60
N LYS A 43 -9.20 -11.75 9.76
CA LYS A 43 -9.14 -12.10 8.34
C LYS A 43 -7.69 -12.34 7.93
N GLU A 44 -7.52 -13.01 6.79
CA GLU A 44 -6.19 -13.19 6.25
C GLU A 44 -5.73 -11.91 5.56
N ARG A 45 -4.41 -11.80 5.35
CA ARG A 45 -3.88 -10.69 4.59
C ARG A 45 -4.44 -10.73 3.17
N GLU A 46 -4.62 -9.55 2.58
CA GLU A 46 -5.21 -9.52 1.26
C GLU A 46 -4.56 -8.42 0.42
N PHE A 47 -4.59 -8.64 -0.89
CA PHE A 47 -4.08 -7.68 -1.84
C PHE A 47 -4.95 -6.43 -1.88
N VAL A 48 -4.28 -5.27 -1.98
CA VAL A 48 -4.96 -3.98 -2.13
C VAL A 48 -4.69 -3.35 -3.49
N ALA A 49 -3.42 -3.10 -3.83
CA ALA A 49 -3.13 -2.42 -5.08
C ALA A 49 -1.66 -2.66 -5.41
N THR A 50 -1.31 -2.59 -6.70
CA THR A 50 0.10 -2.65 -7.07
C THR A 50 0.35 -1.77 -8.29
N ILE A 51 1.62 -1.46 -8.54
CA ILE A 51 1.98 -0.57 -9.64
C ILE A 51 3.36 -0.95 -10.16
N THR A 52 3.54 -0.86 -11.48
CA THR A 52 4.83 -1.02 -12.11
C THR A 52 4.91 -0.10 -13.33
N HIS A 53 6.12 0.06 -13.86
CA HIS A 53 6.32 0.89 -15.06
C HIS A 53 5.72 2.28 -14.90
N GLY A 54 5.88 2.86 -13.71
CA GLY A 54 5.46 4.22 -13.40
C GLY A 54 3.99 4.43 -13.19
N THR A 55 3.16 3.85 -14.05
CA THR A 55 1.74 4.20 -14.12
C THR A 55 0.84 2.99 -14.29
N ASN A 56 1.37 1.77 -14.36
CA ASN A 56 0.53 0.60 -14.68
C ASN A 56 0.04 0.01 -13.38
N THR A 57 -1.27 0.11 -13.12
CA THR A 57 -1.83 -0.19 -11.81
C THR A 57 -2.83 -1.32 -11.87
N TYR A 58 -3.05 -1.93 -10.70
CA TYR A 58 -4.11 -2.90 -10.53
C TYR A 58 -4.63 -2.81 -9.10
N TYR A 59 -5.95 -2.82 -8.94
CA TYR A 59 -6.60 -2.67 -7.64
C TYR A 59 -7.50 -3.86 -7.34
N ALA A 60 -7.54 -4.24 -6.07
CA ALA A 60 -8.60 -5.14 -5.62
C ALA A 60 -9.94 -4.46 -5.80
N ASP A 61 -10.96 -5.24 -6.17
CA ASP A 61 -12.26 -4.65 -6.42
C ASP A 61 -12.82 -3.96 -5.18
N SER A 62 -12.43 -4.42 -4.00
CA SER A 62 -12.96 -3.82 -2.76
C SER A 62 -12.56 -2.35 -2.62
N VAL A 63 -11.44 -1.95 -3.21
CA VAL A 63 -10.95 -0.58 -3.09
C VAL A 63 -10.97 0.19 -4.41
N LYS A 64 -11.21 -0.48 -5.53
CA LYS A 64 -11.22 0.23 -6.82
C LYS A 64 -12.31 1.29 -6.80
N GLY A 65 -11.94 2.49 -7.22
CA GLY A 65 -12.85 3.60 -7.22
C GLY A 65 -12.80 4.43 -5.96
N ARG A 66 -12.03 4.02 -4.96
CA ARG A 66 -11.80 4.75 -3.72
C ARG A 66 -10.34 5.01 -3.44
N PHE A 67 -9.45 4.08 -3.74
CA PHE A 67 -8.03 4.24 -3.47
C PHE A 67 -7.27 4.46 -4.77
N THR A 68 -6.14 5.15 -4.68
CA THR A 68 -5.26 5.29 -5.82
CA THR A 68 -5.25 5.41 -5.81
C THR A 68 -3.83 5.03 -5.40
N ILE A 69 -3.11 4.29 -6.23
CA ILE A 69 -1.71 4.01 -5.99
C ILE A 69 -0.87 4.82 -6.97
N SER A 70 0.25 5.35 -6.49
CA SER A 70 1.18 6.07 -7.35
C SER A 70 2.59 5.72 -6.92
N ARG A 71 3.57 6.17 -7.69
CA ARG A 71 4.93 5.73 -7.42
C ARG A 71 5.89 6.76 -7.96
N ASP A 72 6.96 7.02 -7.21
CA ASP A 72 8.05 7.86 -7.70
C ASP A 72 9.21 6.91 -8.02
N ASN A 73 9.51 6.77 -9.30
CA ASN A 73 10.56 5.85 -9.70
C ASN A 73 11.92 6.27 -9.14
N ALA A 74 12.25 7.57 -9.25
CA ALA A 74 13.58 8.03 -8.84
C ALA A 74 13.80 7.80 -7.35
N LYS A 75 12.76 8.00 -6.55
CA LYS A 75 12.86 7.95 -5.11
C LYS A 75 12.54 6.57 -4.53
N ASN A 76 12.30 5.57 -5.39
CA ASN A 76 12.04 4.23 -4.89
C ASN A 76 10.94 4.20 -3.84
N THR A 77 9.85 4.95 -4.09
CA THR A 77 8.79 5.12 -3.11
C THR A 77 7.45 4.90 -3.79
N VAL A 78 6.55 4.21 -3.08
CA VAL A 78 5.18 3.97 -3.54
C VAL A 78 4.23 4.62 -2.54
N TYR A 79 3.05 5.02 -3.03
CA TYR A 79 2.10 5.80 -2.25
C TYR A 79 0.73 5.18 -2.42
N LEU A 80 -0.08 5.23 -1.35
CA LEU A 80 -1.47 4.76 -1.42
C LEU A 80 -2.34 5.90 -0.91
N GLN A 81 -3.10 6.51 -1.81
CA GLN A 81 -4.04 7.56 -1.44
C GLN A 81 -5.37 6.89 -1.18
N MET A 82 -5.92 7.08 0.01
CA MET A 82 -7.23 6.52 0.33
C MET A 82 -8.24 7.65 0.39
N ASN A 83 -9.38 7.43 -0.25
CA ASN A 83 -10.53 8.33 -0.16
C ASN A 83 -11.75 7.47 0.16
N SER A 84 -12.85 8.12 0.50
CA SER A 84 -14.09 7.39 0.76
C SER A 84 -13.88 6.24 1.74
N LEU A 85 -13.15 6.49 2.83
CA LEU A 85 -12.77 5.40 3.71
C LEU A 85 -13.97 4.78 4.41
N LYS A 86 -13.91 3.46 4.61
CA LYS A 86 -14.98 2.71 5.26
C LYS A 86 -14.42 2.00 6.48
N PRO A 87 -15.26 1.71 7.47
CA PRO A 87 -14.77 0.94 8.64
C PRO A 87 -14.10 -0.37 8.26
N GLU A 88 -14.61 -1.05 7.24
CA GLU A 88 -14.02 -2.29 6.76
C GLU A 88 -12.63 -2.11 6.16
N ASP A 89 -12.16 -0.88 5.96
CA ASP A 89 -10.79 -0.65 5.55
C ASP A 89 -9.80 -0.65 6.70
N THR A 90 -10.28 -0.79 7.94
CA THR A 90 -9.38 -0.84 9.10
C THR A 90 -8.50 -2.08 9.00
N ALA A 91 -7.20 -1.89 9.11
CA ALA A 91 -6.25 -2.99 8.93
C ALA A 91 -4.84 -2.49 9.14
N VAL A 92 -3.90 -3.43 9.26
CA VAL A 92 -2.48 -3.11 9.10
C VAL A 92 -2.15 -3.16 7.62
N TYR A 93 -1.61 -2.06 7.09
CA TYR A 93 -1.26 -1.96 5.67
C TYR A 93 0.24 -2.19 5.50
N TYR A 94 0.60 -3.09 4.58
CA TYR A 94 1.98 -3.50 4.37
C TYR A 94 2.35 -3.18 2.93
N CYS A 95 3.49 -2.54 2.73
N CYS A 95 3.51 -2.59 2.77
CA CYS A 95 3.99 -2.42 1.37
CA CYS A 95 4.12 -2.41 1.46
C CYS A 95 4.88 -3.61 1.04
C CYS A 95 4.83 -3.70 1.06
N ALA A 96 4.94 -3.92 -0.25
CA ALA A 96 5.68 -5.07 -0.72
C ALA A 96 6.31 -4.76 -2.07
N VAL A 97 7.43 -5.43 -2.35
CA VAL A 97 8.05 -5.41 -3.68
C VAL A 97 8.05 -6.82 -4.21
N LEU A 98 7.65 -6.99 -5.47
CA LEU A 98 7.72 -8.29 -6.14
C LEU A 98 8.69 -8.13 -7.29
N GLU A 99 9.77 -8.90 -7.26
CA GLU A 99 10.72 -8.87 -8.35
C GLU A 99 10.16 -9.63 -9.54
N THR A 100 10.46 -9.13 -10.73
CA THR A 100 9.93 -9.67 -11.97
C THR A 100 10.99 -10.33 -12.82
N ARG A 101 12.17 -10.61 -12.25
CA ARG A 101 13.12 -11.50 -12.91
C ARG A 101 12.58 -12.92 -12.96
N SER A 102 12.06 -13.40 -11.82
CA SER A 102 11.40 -14.71 -11.81
C SER A 102 10.08 -14.74 -11.07
N TYR A 103 9.61 -13.60 -10.57
CA TYR A 103 8.32 -13.55 -9.87
C TYR A 103 8.29 -14.51 -8.68
N SER A 104 9.43 -14.73 -8.03
CA SER A 104 9.54 -15.74 -6.98
C SER A 104 9.68 -15.16 -5.59
N PHE A 105 10.20 -13.95 -5.46
CA PHE A 105 10.50 -13.36 -4.17
C PHE A 105 9.68 -12.10 -3.98
N ARG A 106 9.03 -11.99 -2.83
CA ARG A 106 8.37 -10.77 -2.39
C ARG A 106 9.06 -10.29 -1.13
N TYR A 107 9.25 -8.99 -1.05
CA TYR A 107 9.87 -8.32 0.08
C TYR A 107 8.80 -7.47 0.74
N TRP A 108 8.83 -7.41 2.08
CA TRP A 108 7.73 -6.82 2.82
C TRP A 108 8.24 -5.72 3.73
N GLY A 109 7.42 -4.69 3.92
CA GLY A 109 7.65 -3.72 4.96
C GLY A 109 7.19 -4.25 6.30
N GLN A 110 7.16 -3.34 7.28
CA GLN A 110 6.80 -3.74 8.63
C GLN A 110 5.35 -3.47 8.99
N GLY A 111 4.63 -2.75 8.15
CA GLY A 111 3.23 -2.53 8.40
C GLY A 111 2.97 -1.18 9.05
N THR A 112 1.85 -0.57 8.69
CA THR A 112 1.38 0.65 9.36
C THR A 112 -0.12 0.51 9.62
N GLN A 113 -0.54 0.82 10.86
CA GLN A 113 -1.94 0.63 11.21
C GLN A 113 -2.81 1.75 10.66
N VAL A 114 -3.93 1.40 10.04
CA VAL A 114 -4.96 2.34 9.64
C VAL A 114 -6.25 1.95 10.33
N THR A 115 -6.83 2.88 11.10
CA THR A 115 -8.06 2.61 11.82
C THR A 115 -9.09 3.63 11.36
N VAL A 116 -10.21 3.15 10.82
CA VAL A 116 -11.30 3.99 10.33
C VAL A 116 -12.44 3.93 11.33
N SER A 117 -12.73 5.06 11.97
CA SER A 117 -13.70 5.14 13.05
C SER A 117 -15.10 5.43 12.53
N SER A 118 -16.08 4.73 13.11
CA SER A 118 -17.49 5.03 12.88
C SER A 118 -18.07 6.00 13.90
N LEU A 119 -17.28 6.42 14.89
CA LEU A 119 -17.78 7.37 15.87
C LEU A 119 -17.72 8.78 15.29
N GLU A 120 -18.77 9.55 15.51
CA GLU A 120 -18.84 10.89 14.93
C GLU A 120 -18.48 11.95 15.96
OH2 1PE B . 7.39 -22.01 -4.38
C12 1PE B . 6.26 -22.30 -3.61
C22 1PE B . 5.17 -21.27 -3.91
OH3 1PE B . 4.98 -20.46 -2.79
C13 1PE B . 5.26 -18.30 -1.75
C23 1PE B . 5.68 -19.25 -2.89
OH4 1PE B . 5.78 -17.03 -2.03
C14 1PE B . 6.11 -15.23 -3.59
C24 1PE B . 5.35 -16.51 -3.26
OH5 1PE B . 5.71 -14.77 -4.86
C15 1PE B . 3.90 -14.04 -6.28
C25 1PE B . 4.32 -14.79 -5.02
OH6 1PE B . 2.53 -14.30 -6.46
C16 1PE B . 0.53 -13.32 -5.61
C26 1PE B . 1.72 -13.16 -6.57
OH3 1PE C . -1.17 -14.21 -9.82
C13 1PE C . -3.40 -13.57 -10.21
C23 1PE C . -2.29 -13.68 -9.17
OH4 1PE C . -3.71 -12.22 -10.39
C14 1PE C . -4.24 -10.97 -12.34
C24 1PE C . -4.72 -12.03 -11.35
OH5 1PE C . -3.93 -9.81 -11.66
C25 1PE C . -4.11 -8.67 -12.43
C12 1PE D . 4.35 -14.64 -14.54
C22 1PE D . 2.88 -14.38 -14.87
OH3 1PE D . 2.78 -13.20 -15.61
C13 1PE D . 0.72 -11.99 -15.35
C23 1PE D . 2.19 -12.13 -14.92
OH4 1PE D . 0.04 -11.23 -14.39
C14 1PE D . -1.35 -13.14 -14.03
C24 1PE D . -1.29 -11.63 -14.17
OH5 1PE D . -2.64 -13.51 -13.61
K K E . 14.20 3.35 -9.03
K K F . -5.21 -1.07 -14.68
K K G . -17.55 13.57 13.38
K K H . 3.66 3.27 -18.04
C FMT I . -8.35 -2.50 -11.81
O1 FMT I . -7.25 -2.03 -11.39
O2 FMT I . -8.77 -2.05 -12.91
#